data_5NBO
#
_entry.id   5NBO
#
_cell.length_a   167.466
_cell.length_b   60.801
_cell.length_c   49.385
_cell.angle_alpha   90.00
_cell.angle_beta   94.49
_cell.angle_gamma   90.00
#
_symmetry.space_group_name_H-M   'C 1 2 1'
#
loop_
_entity.id
_entity.type
_entity.pdbx_description
1 polymer 'Glycosyl hydrolase family 16'
2 non-polymer 1,2-ETHANEDIOL
3 water water
#
_entity_poly.entity_id   1
_entity_poly.type   'polypeptide(L)'
_entity_poly.pdbx_seq_one_letter_code
;MGSSHHHHHHSSGLVPRGSHMSDSVGTEPEENPQDILFKDDFNFFDEKVWTKETHEPGWTNQELQAYDAAHVSVGKDGDK
SVLILTAERKGNKIYSGRINSKGKKSFKYRKIEASIKLPKTNGGLWPAFWMMGDNDKQWPACGEIDIMEMGEQSGMAAGD
SEKQVNTAIHYGPSAAAHEQQYYKANVANSLQDGNYHTYSLDWDENNLTISIDNVKFHTFDISSNTYFHDNFYILFNLAV
GGAFTGITDINKLTGLKDGQKVNMYIDWVKIL
;
_entity_poly.pdbx_strand_id   A,B
#
# COMPACT_ATOMS: atom_id res chain seq x y z
N ILE A 36 -33.48 -8.23 5.50
CA ILE A 36 -32.71 -7.02 5.96
C ILE A 36 -32.68 -6.92 7.45
N LEU A 37 -31.49 -6.90 8.01
CA LEU A 37 -31.27 -6.77 9.44
C LEU A 37 -31.43 -5.31 9.87
N PHE A 38 -30.90 -4.40 9.06
CA PHE A 38 -30.86 -2.99 9.36
C PHE A 38 -30.69 -2.21 8.07
N LYS A 39 -31.36 -1.06 7.92
CA LYS A 39 -31.23 -0.19 6.75
C LYS A 39 -31.41 1.27 7.19
N ASP A 40 -30.55 2.18 6.71
CA ASP A 40 -30.71 3.63 6.94
C ASP A 40 -30.90 4.26 5.57
N ASP A 41 -32.12 4.78 5.33
CA ASP A 41 -32.38 5.54 4.12
C ASP A 41 -32.03 7.00 4.22
N PHE A 42 -31.57 7.44 5.38
CA PHE A 42 -31.16 8.82 5.61
C PHE A 42 -32.26 9.81 5.28
N ASN A 43 -33.48 9.45 5.61
CA ASN A 43 -34.55 10.50 5.70
C ASN A 43 -34.32 11.52 6.81
N PHE A 44 -33.52 11.16 7.81
CA PHE A 44 -33.16 12.04 8.89
C PHE A 44 -31.82 11.55 9.46
N PHE A 45 -31.16 12.41 10.22
CA PHE A 45 -29.93 11.99 10.89
C PHE A 45 -30.32 11.34 12.19
N ASP A 46 -30.18 10.00 12.27
CA ASP A 46 -30.62 9.26 13.43
C ASP A 46 -29.51 9.15 14.49
N GLU A 47 -29.63 9.92 15.57
CA GLU A 47 -28.60 9.92 16.63
C GLU A 47 -28.59 8.68 17.51
N LYS A 48 -29.57 7.82 17.35
CA LYS A 48 -29.47 6.51 18.01
C LYS A 48 -28.59 5.53 17.25
N VAL A 49 -28.20 5.87 16.03
CA VAL A 49 -27.34 5.06 15.18
C VAL A 49 -25.97 5.72 14.95
N TRP A 50 -25.93 7.04 14.68
CA TRP A 50 -24.72 7.74 14.21
C TRP A 50 -24.26 8.82 15.15
N THR A 51 -22.95 9.04 15.16
CA THR A 51 -22.33 10.17 15.88
C THR A 51 -21.48 10.98 14.90
N LYS A 52 -21.62 12.32 14.93
CA LYS A 52 -20.76 13.22 14.15
C LYS A 52 -19.45 13.46 14.90
N GLU A 53 -18.32 13.36 14.19
CA GLU A 53 -17.01 13.54 14.83
C GLU A 53 -16.54 14.96 14.75
N THR A 54 -15.72 15.37 15.73
CA THR A 54 -15.04 16.67 15.75
C THR A 54 -13.56 16.44 16.08
N HIS A 55 -12.67 16.94 15.23
CA HIS A 55 -11.27 16.76 15.39
C HIS A 55 -10.57 17.89 14.72
N GLU A 56 -9.44 18.23 15.28
CA GLU A 56 -8.58 19.25 14.76
C GLU A 56 -7.88 18.76 13.47
N PRO A 57 -7.45 19.70 12.64
CA PRO A 57 -6.63 19.29 11.48
C PRO A 57 -5.39 18.57 11.94
N GLY A 58 -4.96 17.58 11.21
CA GLY A 58 -3.77 16.88 11.51
C GLY A 58 -3.96 15.83 12.58
N TRP A 59 -5.21 15.58 13.00
CA TRP A 59 -5.52 14.57 13.99
C TRP A 59 -4.99 13.19 13.65
N THR A 60 -5.24 12.72 12.41
CA THR A 60 -4.62 11.50 11.92
C THR A 60 -4.09 11.67 10.50
N ASN A 61 -3.03 10.88 10.18
CA ASN A 61 -2.50 10.73 8.82
C ASN A 61 -2.04 12.02 8.14
N GLN A 62 -1.67 13.05 8.92
CA GLN A 62 -1.35 14.40 8.39
C GLN A 62 -2.43 14.97 7.47
N GLU A 63 -3.66 14.64 7.77
CA GLU A 63 -4.80 15.20 7.02
C GLU A 63 -4.98 16.69 7.25
N LEU A 64 -5.52 17.42 6.25
CA LEU A 64 -5.61 18.89 6.36
C LEU A 64 -6.91 19.39 6.95
N GLN A 65 -7.97 18.60 6.83
CA GLN A 65 -9.28 19.07 7.33
C GLN A 65 -9.40 18.96 8.83
N ALA A 66 -10.20 19.89 9.41
CA ALA A 66 -10.90 19.69 10.67
C ALA A 66 -12.20 18.97 10.41
N TYR A 67 -12.60 18.04 11.26
CA TYR A 67 -13.93 17.55 11.15
C TYR A 67 -14.81 18.26 12.15
N ASP A 68 -16.04 18.51 11.79
CA ASP A 68 -17.00 19.09 12.73
C ASP A 68 -18.47 18.79 12.33
N ALA A 69 -19.37 19.01 13.28
CA ALA A 69 -20.71 18.55 13.13
C ALA A 69 -21.46 19.29 12.02
N ALA A 70 -21.07 20.55 11.76
CA ALA A 70 -21.70 21.43 10.79
C ALA A 70 -21.46 20.94 9.35
N HIS A 71 -20.43 20.10 9.14
CA HIS A 71 -20.14 19.51 7.84
C HIS A 71 -20.72 18.11 7.59
N VAL A 72 -21.65 17.66 8.46
CA VAL A 72 -22.46 16.55 8.24
C VAL A 72 -23.90 17.02 8.25
N SER A 73 -24.65 16.65 7.24
CA SER A 73 -26.08 16.94 7.23
C SER A 73 -26.81 15.84 6.49
N VAL A 74 -28.15 15.86 6.59
CA VAL A 74 -28.97 14.99 5.81
C VAL A 74 -29.81 15.88 4.93
N GLY A 75 -30.11 15.45 3.72
CA GLY A 75 -30.86 16.34 2.77
C GLY A 75 -31.33 15.53 1.60
N LYS A 76 -31.47 16.21 0.47
CA LYS A 76 -32.03 15.63 -0.75
C LYS A 76 -31.06 15.79 -1.88
N ASP A 77 -30.90 14.76 -2.67
CA ASP A 77 -30.23 14.89 -3.95
C ASP A 77 -31.28 14.52 -4.97
N GLY A 78 -31.99 15.49 -5.54
CA GLY A 78 -33.19 15.19 -6.34
C GLY A 78 -34.23 14.53 -5.47
N ASP A 79 -34.74 13.40 -5.89
CA ASP A 79 -35.67 12.61 -5.13
C ASP A 79 -35.02 11.84 -3.99
N LYS A 80 -33.69 11.69 -3.96
CA LYS A 80 -33.05 10.82 -2.98
C LYS A 80 -32.83 11.51 -1.66
N SER A 81 -33.17 10.85 -0.55
CA SER A 81 -32.77 11.27 0.76
C SER A 81 -31.32 10.80 0.96
N VAL A 82 -30.47 11.70 1.38
CA VAL A 82 -29.01 11.37 1.47
C VAL A 82 -28.35 11.93 2.72
N LEU A 83 -27.35 11.18 3.18
CA LEU A 83 -26.38 11.69 4.08
C LEU A 83 -25.37 12.46 3.27
N ILE A 84 -25.04 13.63 3.75
CA ILE A 84 -24.15 14.52 3.03
C ILE A 84 -22.96 14.86 3.88
N LEU A 85 -21.73 14.54 3.36
CA LEU A 85 -20.47 14.97 3.96
C LEU A 85 -19.94 16.10 3.09
N THR A 86 -19.77 17.29 3.66
CA THR A 86 -19.35 18.46 2.89
C THR A 86 -17.92 18.88 3.24
N ALA A 87 -17.03 18.95 2.25
CA ALA A 87 -15.70 19.47 2.49
C ALA A 87 -15.67 20.88 1.90
N GLU A 88 -15.09 21.81 2.65
CA GLU A 88 -14.95 23.20 2.15
C GLU A 88 -13.69 23.88 2.64
N ARG A 89 -13.16 24.83 1.84
CA ARG A 89 -11.98 25.55 2.14
C ARG A 89 -12.27 27.08 2.17
N LYS A 90 -11.91 27.67 3.28
CA LYS A 90 -12.05 29.11 3.58
C LYS A 90 -10.60 29.52 3.90
N GLY A 91 -9.92 29.97 2.88
CA GLY A 91 -8.51 30.28 3.00
C GLY A 91 -7.67 29.06 3.31
N ASN A 92 -6.93 29.11 4.39
CA ASN A 92 -6.18 27.97 4.85
C ASN A 92 -6.93 27.03 5.83
N LYS A 93 -8.20 27.26 6.09
CA LYS A 93 -8.95 26.41 6.99
C LYS A 93 -9.80 25.50 6.13
N ILE A 94 -9.75 24.20 6.40
CA ILE A 94 -10.51 23.25 5.61
C ILE A 94 -11.35 22.50 6.63
N TYR A 95 -12.57 22.25 6.27
CA TYR A 95 -13.53 21.56 7.14
C TYR A 95 -14.17 20.45 6.34
N SER A 96 -14.44 19.34 7.02
CA SER A 96 -15.20 18.25 6.39
C SER A 96 -15.95 17.48 7.48
N GLY A 97 -16.52 16.33 7.07
CA GLY A 97 -17.41 15.53 7.88
C GLY A 97 -17.00 14.07 7.99
N ARG A 98 -17.30 13.53 9.17
CA ARG A 98 -17.03 12.13 9.50
C ARG A 98 -18.03 11.64 10.52
N ILE A 99 -18.57 10.45 10.30
CA ILE A 99 -19.52 9.86 11.23
C ILE A 99 -19.18 8.40 11.54
N ASN A 100 -19.69 7.93 12.68
CA ASN A 100 -19.48 6.52 13.06
C ASN A 100 -20.70 6.02 13.79
N SER A 101 -20.80 4.69 13.92
CA SER A 101 -21.87 4.05 14.72
C SER A 101 -21.37 3.30 15.96
N LYS A 102 -20.18 3.63 16.45
CA LYS A 102 -19.57 2.97 17.59
C LYS A 102 -20.50 3.09 18.81
N GLY A 103 -20.76 1.96 19.47
CA GLY A 103 -21.63 1.97 20.64
C GLY A 103 -23.10 2.04 20.35
N LYS A 104 -23.50 2.02 19.08
CA LYS A 104 -24.85 2.26 18.64
C LYS A 104 -25.32 1.24 17.67
N LYS A 105 -24.54 0.94 16.62
CA LYS A 105 -24.90 -0.08 15.71
C LYS A 105 -23.63 -0.82 15.28
N SER A 106 -23.59 -2.12 15.56
CA SER A 106 -22.48 -2.97 15.16
C SER A 106 -22.98 -4.34 14.80
N PHE A 107 -22.18 -5.07 14.07
CA PHE A 107 -22.51 -6.37 13.65
C PHE A 107 -21.31 -7.22 13.35
N LYS A 108 -21.59 -8.51 13.13
CA LYS A 108 -20.60 -9.51 12.85
C LYS A 108 -21.11 -10.52 11.82
N TYR A 109 -20.25 -10.85 10.83
CA TYR A 109 -20.55 -11.85 9.79
C TYR A 109 -21.85 -11.63 9.03
N ARG A 110 -22.08 -10.41 8.59
CA ARG A 110 -23.26 -10.06 7.78
C ARG A 110 -22.69 -9.33 6.57
N LYS A 111 -23.48 -9.26 5.52
CA LYS A 111 -23.16 -8.45 4.40
C LYS A 111 -23.60 -7.03 4.69
N ILE A 112 -22.77 -6.09 4.33
CA ILE A 112 -23.08 -4.67 4.48
C ILE A 112 -22.84 -4.01 3.11
N GLU A 113 -23.80 -3.16 2.71
CA GLU A 113 -23.74 -2.45 1.39
C GLU A 113 -24.14 -1.02 1.54
N ALA A 114 -23.49 -0.12 0.79
CA ALA A 114 -23.87 1.32 0.83
C ALA A 114 -23.83 1.83 -0.59
N SER A 115 -24.71 2.79 -0.87
CA SER A 115 -24.79 3.41 -2.19
C SER A 115 -24.25 4.80 -2.03
N ILE A 116 -23.15 5.09 -2.74
CA ILE A 116 -22.42 6.34 -2.58
C ILE A 116 -22.17 7.06 -3.89
N LYS A 117 -22.32 8.38 -3.84
CA LYS A 117 -21.96 9.26 -4.92
C LYS A 117 -20.77 10.09 -4.48
N LEU A 118 -19.70 10.07 -5.27
CA LEU A 118 -18.43 10.61 -4.84
C LEU A 118 -18.04 11.85 -5.66
N PRO A 119 -17.43 12.84 -5.01
CA PRO A 119 -16.88 13.95 -5.80
C PRO A 119 -15.63 13.49 -6.61
N LYS A 120 -15.17 14.27 -7.61
CA LYS A 120 -13.95 13.93 -8.25
C LYS A 120 -12.82 14.17 -7.27
N THR A 121 -11.98 13.16 -7.04
CA THR A 121 -11.03 13.26 -5.99
C THR A 121 -9.64 13.82 -6.37
N ASN A 122 -9.36 13.88 -7.67
CA ASN A 122 -8.02 14.26 -8.15
C ASN A 122 -7.55 15.54 -7.44
N GLY A 123 -6.38 15.50 -6.85
CA GLY A 123 -5.83 16.69 -6.22
C GLY A 123 -6.01 16.71 -4.73
N GLY A 124 -6.38 15.56 -4.13
CA GLY A 124 -6.25 15.38 -2.67
C GLY A 124 -7.48 15.01 -1.85
N LEU A 125 -8.68 14.81 -2.47
CA LEU A 125 -9.77 14.36 -1.65
C LEU A 125 -9.59 12.91 -1.38
N TRP A 126 -10.13 12.46 -0.21
CA TRP A 126 -9.90 11.11 0.30
C TRP A 126 -11.17 10.57 0.98
N PRO A 127 -12.15 10.18 0.15
CA PRO A 127 -13.37 9.54 0.74
C PRO A 127 -13.14 8.11 1.21
N ALA A 128 -13.93 7.67 2.16
CA ALA A 128 -13.84 6.26 2.61
C ALA A 128 -15.12 5.79 3.28
N PHE A 129 -15.34 4.48 3.12
CA PHE A 129 -16.40 3.68 3.76
C PHE A 129 -15.71 2.49 4.38
N TRP A 130 -15.84 2.41 5.72
CA TRP A 130 -15.01 1.53 6.51
C TRP A 130 -15.64 1.15 7.85
N MET A 131 -14.92 0.30 8.60
CA MET A 131 -15.41 -0.23 9.83
C MET A 131 -14.26 -0.39 10.79
N MET A 132 -14.56 -0.28 12.09
CA MET A 132 -13.62 -0.68 13.16
C MET A 132 -14.38 -1.53 14.23
N GLY A 133 -13.60 -2.32 14.98
CA GLY A 133 -14.12 -3.17 16.06
C GLY A 133 -14.81 -2.35 17.13
N ASP A 134 -16.00 -2.81 17.49
CA ASP A 134 -16.87 -2.11 18.45
C ASP A 134 -16.41 -2.50 19.86
N ASN A 135 -15.20 -2.12 20.18
CA ASN A 135 -14.61 -2.42 21.51
C ASN A 135 -13.86 -1.18 21.95
N ASP A 136 -13.21 -1.20 23.10
CA ASP A 136 -12.41 -0.04 23.45
C ASP A 136 -10.92 -0.28 23.37
N LYS A 137 -10.49 -1.21 22.50
CA LYS A 137 -9.05 -1.38 22.26
C LYS A 137 -8.47 -0.24 21.47
N GLN A 138 -7.24 0.12 21.75
CA GLN A 138 -6.64 1.20 20.96
C GLN A 138 -6.35 0.65 19.55
N TRP A 139 -6.45 1.54 18.56
CA TRP A 139 -6.10 1.22 17.19
C TRP A 139 -4.64 0.78 17.19
N PRO A 140 -4.24 -0.27 16.43
CA PRO A 140 -5.03 -1.07 15.50
C PRO A 140 -5.66 -2.32 16.10
N ALA A 141 -5.55 -2.46 17.42
CA ALA A 141 -6.01 -3.68 18.09
C ALA A 141 -7.53 -3.82 18.06
N CYS A 142 -8.22 -2.71 17.81
CA CYS A 142 -9.68 -2.77 17.54
C CYS A 142 -10.01 -3.42 16.23
N GLY A 143 -9.05 -3.52 15.30
CA GLY A 143 -9.36 -4.04 13.99
C GLY A 143 -9.97 -2.90 13.10
N GLU A 144 -9.59 -2.91 11.83
CA GLU A 144 -10.10 -1.96 10.87
C GLU A 144 -10.31 -2.63 9.54
N ILE A 145 -11.48 -2.42 8.94
CA ILE A 145 -11.74 -2.92 7.59
C ILE A 145 -12.06 -1.73 6.65
N ASP A 146 -11.25 -1.46 5.65
CA ASP A 146 -11.54 -0.37 4.71
C ASP A 146 -12.20 -1.04 3.50
N ILE A 147 -13.51 -0.84 3.38
CA ILE A 147 -14.27 -1.37 2.27
C ILE A 147 -13.92 -0.68 0.99
N MET A 148 -13.94 0.64 1.01
CA MET A 148 -13.61 1.48 -0.16
C MET A 148 -12.84 2.64 0.36
N GLU A 149 -11.72 2.94 -0.29
CA GLU A 149 -11.10 4.26 -0.16
C GLU A 149 -10.68 4.70 -1.54
N MET A 150 -10.85 5.98 -1.84
CA MET A 150 -10.26 6.54 -3.09
C MET A 150 -9.46 7.76 -2.79
N GLY A 151 -8.75 8.27 -3.83
CA GLY A 151 -7.87 9.42 -3.72
C GLY A 151 -6.39 9.16 -3.46
N GLU A 152 -5.96 7.90 -3.60
CA GLU A 152 -4.59 7.57 -3.24
C GLU A 152 -3.63 8.19 -4.25
N GLN A 153 -2.47 8.56 -3.74
CA GLN A 153 -1.42 9.15 -4.58
C GLN A 153 -1.19 8.38 -5.88
N SER A 154 -1.05 7.08 -5.77
CA SER A 154 -0.84 6.24 -6.95
C SER A 154 -1.96 6.25 -8.01
N GLY A 155 -3.21 6.53 -7.65
CA GLY A 155 -4.30 6.71 -8.62
C GLY A 155 -4.07 7.92 -9.50
N MET A 156 -3.58 9.00 -8.90
CA MET A 156 -3.22 10.20 -9.69
C MET A 156 -2.01 9.95 -10.59
N ALA A 157 -0.93 9.41 -10.02
CA ALA A 157 0.28 9.04 -10.81
C ALA A 157 -0.04 8.07 -12.00
N ALA A 158 -1.06 7.23 -11.82
CA ALA A 158 -1.52 6.29 -12.88
C ALA A 158 -2.56 6.88 -13.83
N GLY A 159 -2.92 8.15 -13.60
CA GLY A 159 -3.90 8.83 -14.38
C GLY A 159 -5.24 8.20 -14.36
N ASP A 160 -5.62 7.62 -13.21
CA ASP A 160 -6.86 6.88 -13.11
C ASP A 160 -7.55 7.10 -11.76
N SER A 161 -7.53 8.35 -11.33
CA SER A 161 -8.04 8.73 -10.04
C SER A 161 -9.54 8.49 -9.89
N GLU A 162 -10.31 8.43 -10.98
CA GLU A 162 -11.75 8.17 -10.88
C GLU A 162 -12.08 6.65 -10.75
N LYS A 163 -11.08 5.77 -10.99
CA LYS A 163 -11.25 4.35 -10.99
C LYS A 163 -10.42 3.59 -10.00
N GLN A 164 -9.37 4.19 -9.47
CA GLN A 164 -8.51 3.45 -8.55
C GLN A 164 -9.04 3.41 -7.13
N VAL A 165 -9.29 2.18 -6.68
CA VAL A 165 -9.82 1.90 -5.32
C VAL A 165 -8.83 1.07 -4.52
N ASN A 166 -8.74 1.43 -3.24
CA ASN A 166 -7.95 0.70 -2.30
C ASN A 166 -8.91 0.01 -1.33
N THR A 167 -8.70 -1.27 -1.08
CA THR A 167 -9.40 -1.95 0.05
C THR A 167 -8.30 -2.52 0.97
N ALA A 168 -8.59 -2.59 2.27
CA ALA A 168 -7.52 -2.97 3.24
C ALA A 168 -8.07 -3.51 4.56
N ILE A 169 -7.19 -4.15 5.32
CA ILE A 169 -7.43 -4.45 6.72
C ILE A 169 -6.22 -4.08 7.50
N HIS A 170 -6.46 -3.57 8.68
CA HIS A 170 -5.36 -3.24 9.63
C HIS A 170 -5.64 -3.91 10.97
N TYR A 171 -4.57 -4.35 11.67
CA TYR A 171 -4.78 -5.18 12.85
C TYR A 171 -3.43 -5.21 13.57
N GLY A 172 -3.38 -5.91 14.67
CA GLY A 172 -2.12 -5.99 15.46
C GLY A 172 -2.36 -5.47 16.87
N PRO A 173 -1.46 -5.84 17.80
CA PRO A 173 -1.82 -5.54 19.22
C PRO A 173 -1.45 -4.14 19.63
N SER A 174 -0.67 -3.43 18.84
CA SER A 174 -0.37 -2.03 19.15
C SER A 174 0.09 -1.36 17.91
N ALA A 175 0.23 -0.02 17.94
CA ALA A 175 0.77 0.70 16.78
C ALA A 175 2.16 0.16 16.34
N ALA A 176 3.01 -0.10 17.33
CA ALA A 176 4.34 -0.66 17.04
C ALA A 176 4.28 -2.01 16.36
N ALA A 177 3.23 -2.81 16.59
CA ALA A 177 3.11 -4.05 15.91
C ALA A 177 1.94 -4.06 14.87
N HIS A 178 1.75 -2.92 14.23
CA HIS A 178 0.70 -2.67 13.19
C HIS A 178 0.98 -3.59 11.97
N GLU A 179 -0.02 -4.37 11.57
CA GLU A 179 0.00 -5.20 10.37
C GLU A 179 -1.10 -4.71 9.42
N GLN A 180 -0.84 -4.74 8.12
CA GLN A 180 -1.85 -4.27 7.15
C GLN A 180 -1.75 -5.17 5.94
N GLN A 181 -2.91 -5.48 5.36
CA GLN A 181 -3.00 -6.09 4.05
C GLN A 181 -3.85 -5.13 3.19
N TYR A 182 -3.43 -4.97 1.96
CA TYR A 182 -4.24 -4.25 1.00
C TYR A 182 -4.26 -4.72 -0.40
N TYR A 183 -5.29 -4.29 -1.09
CA TYR A 183 -5.41 -4.55 -2.50
C TYR A 183 -5.80 -3.27 -3.21
N LYS A 184 -5.18 -3.05 -4.34
CA LYS A 184 -5.62 -1.95 -5.19
C LYS A 184 -5.62 -2.24 -6.65
N ALA A 185 -6.54 -1.57 -7.31
CA ALA A 185 -6.79 -1.80 -8.72
C ALA A 185 -7.76 -0.79 -9.25
N ASN A 186 -7.87 -0.75 -10.57
CA ASN A 186 -8.78 0.14 -11.25
C ASN A 186 -10.05 -0.62 -11.61
N VAL A 187 -11.21 -0.12 -11.19
CA VAL A 187 -12.46 -0.70 -11.70
C VAL A 187 -12.63 -0.36 -13.17
N ALA A 188 -13.66 -0.97 -13.77
CA ALA A 188 -13.91 -0.81 -15.24
C ALA A 188 -14.42 0.59 -15.63
N ASN A 189 -15.25 1.21 -14.79
CA ASN A 189 -15.95 2.44 -15.11
C ASN A 189 -15.71 3.47 -13.99
N SER A 190 -15.73 4.75 -14.34
CA SER A 190 -15.61 5.82 -13.33
C SER A 190 -16.62 5.65 -12.18
N LEU A 191 -16.10 5.85 -10.96
CA LEU A 191 -16.93 5.81 -9.76
C LEU A 191 -17.25 7.23 -9.31
N GLN A 192 -16.72 8.22 -10.09
CA GLN A 192 -16.82 9.65 -9.76
C GLN A 192 -17.45 10.38 -10.96
N ASP A 193 -18.60 9.88 -11.34
CA ASP A 193 -19.27 10.14 -12.63
C ASP A 193 -20.65 10.75 -12.47
N GLY A 194 -20.91 11.26 -11.29
CA GLY A 194 -22.20 11.89 -10.94
C GLY A 194 -23.28 10.91 -10.60
N ASN A 195 -23.00 9.62 -10.58
CA ASN A 195 -24.01 8.62 -10.23
C ASN A 195 -23.57 7.96 -8.92
N TYR A 196 -24.50 7.20 -8.34
CA TYR A 196 -24.30 6.43 -7.15
C TYR A 196 -23.75 5.04 -7.53
N HIS A 197 -22.83 4.54 -6.71
CA HIS A 197 -22.30 3.19 -6.88
C HIS A 197 -22.46 2.42 -5.60
N THR A 198 -22.59 1.10 -5.70
CA THR A 198 -22.70 0.27 -4.51
C THR A 198 -21.40 -0.40 -4.09
N TYR A 199 -21.09 -0.31 -2.82
CA TYR A 199 -19.90 -0.86 -2.25
C TYR A 199 -20.42 -1.88 -1.19
N SER A 200 -19.97 -3.12 -1.33
CA SER A 200 -20.42 -4.26 -0.53
C SER A 200 -19.26 -4.96 0.16
N LEU A 201 -19.49 -5.35 1.42
CA LEU A 201 -18.63 -6.34 2.12
C LEU A 201 -19.42 -7.59 2.53
N ASP A 202 -19.01 -8.74 2.07
CA ASP A 202 -19.53 -10.04 2.57
C ASP A 202 -18.54 -10.57 3.58
N TRP A 203 -19.02 -11.15 4.69
CA TRP A 203 -18.14 -11.41 5.84
C TRP A 203 -18.56 -12.73 6.53
N ASP A 204 -17.69 -13.69 6.55
CA ASP A 204 -17.93 -14.94 7.31
C ASP A 204 -16.65 -15.24 8.09
N GLU A 205 -16.55 -16.41 8.72
CA GLU A 205 -15.37 -16.63 9.61
C GLU A 205 -14.12 -16.85 8.80
N ASN A 206 -14.26 -17.07 7.50
CA ASN A 206 -13.10 -17.28 6.65
C ASN A 206 -12.67 -16.11 5.77
N ASN A 207 -13.63 -15.32 5.30
CA ASN A 207 -13.33 -14.32 4.26
C ASN A 207 -14.01 -12.99 4.50
N LEU A 208 -13.33 -11.95 4.06
CA LEU A 208 -13.90 -10.62 3.82
C LEU A 208 -13.86 -10.38 2.32
N THR A 209 -15.02 -10.29 1.68
CA THR A 209 -15.07 -10.11 0.22
C THR A 209 -15.75 -8.76 -0.11
N ILE A 210 -14.97 -7.89 -0.73
CA ILE A 210 -15.38 -6.56 -1.14
C ILE A 210 -15.83 -6.59 -2.60
N SER A 211 -17.03 -6.07 -2.87
CA SER A 211 -17.55 -5.96 -4.25
C SER A 211 -17.90 -4.49 -4.51
N ILE A 212 -17.82 -4.11 -5.78
CA ILE A 212 -18.13 -2.74 -6.24
C ILE A 212 -19.06 -2.88 -7.47
N ASP A 213 -20.25 -2.29 -7.35
CA ASP A 213 -21.33 -2.49 -8.37
C ASP A 213 -21.51 -3.96 -8.74
N ASN A 214 -21.58 -4.79 -7.68
CA ASN A 214 -21.78 -6.20 -7.82
C ASN A 214 -20.64 -6.98 -8.48
N VAL A 215 -19.45 -6.40 -8.69
CA VAL A 215 -18.34 -7.08 -9.25
C VAL A 215 -17.35 -7.34 -8.10
N LYS A 216 -16.98 -8.60 -7.86
CA LYS A 216 -16.02 -8.87 -6.77
C LYS A 216 -14.71 -8.12 -7.07
N PHE A 217 -14.19 -7.45 -6.05
CA PHE A 217 -12.99 -6.64 -6.17
C PHE A 217 -11.83 -7.39 -5.52
N HIS A 218 -11.99 -7.88 -4.29
CA HIS A 218 -10.97 -8.66 -3.58
C HIS A 218 -11.51 -9.41 -2.40
N THR A 219 -10.88 -10.54 -2.09
CA THR A 219 -11.16 -11.30 -0.87
C THR A 219 -9.93 -11.36 0.02
N PHE A 220 -10.09 -10.95 1.28
CA PHE A 220 -9.08 -11.15 2.30
C PHE A 220 -9.42 -12.45 3.07
N ASP A 221 -8.43 -13.32 3.21
CA ASP A 221 -8.50 -14.49 4.08
C ASP A 221 -8.28 -14.05 5.54
N ILE A 222 -9.32 -14.22 6.37
CA ILE A 222 -9.24 -13.93 7.81
C ILE A 222 -9.45 -15.21 8.66
N SER A 223 -9.38 -16.34 8.02
CA SER A 223 -9.66 -17.63 8.72
C SER A 223 -8.86 -17.78 10.04
N SER A 224 -7.60 -17.33 10.07
CA SER A 224 -6.76 -17.43 11.27
C SER A 224 -6.33 -16.04 11.80
N ASN A 225 -7.08 -15.01 11.42
CA ASN A 225 -6.87 -13.68 11.88
C ASN A 225 -7.85 -13.37 12.98
N THR A 226 -7.33 -13.24 14.20
CA THR A 226 -8.22 -13.08 15.39
C THR A 226 -8.86 -11.71 15.52
N TYR A 227 -8.50 -10.75 14.66
CA TYR A 227 -9.03 -9.41 14.76
C TYR A 227 -10.37 -9.15 14.02
N PHE A 228 -10.87 -10.12 13.30
CA PHE A 228 -12.08 -9.92 12.43
C PHE A 228 -13.20 -10.91 12.73
N HIS A 229 -13.41 -11.14 14.03
CA HIS A 229 -14.40 -12.11 14.51
C HIS A 229 -15.21 -11.64 15.69
N ASP A 230 -15.33 -10.33 15.83
CA ASP A 230 -16.20 -9.69 16.80
C ASP A 230 -16.98 -8.57 16.09
N ASN A 231 -17.89 -7.92 16.83
CA ASN A 231 -18.75 -6.88 16.23
C ASN A 231 -17.91 -5.69 15.77
N PHE A 232 -18.27 -5.16 14.62
CA PHE A 232 -17.66 -3.94 14.09
C PHE A 232 -18.79 -2.94 13.80
N TYR A 233 -18.45 -1.69 14.01
CA TYR A 233 -19.26 -0.54 13.65
C TYR A 233 -18.76 0.09 12.34
N ILE A 234 -19.59 0.99 11.82
CA ILE A 234 -19.44 1.64 10.50
C ILE A 234 -18.98 3.09 10.60
N LEU A 235 -18.20 3.49 9.59
CA LEU A 235 -17.76 4.84 9.46
C LEU A 235 -17.87 5.27 8.00
N PHE A 236 -18.14 6.57 7.84
CA PHE A 236 -18.03 7.28 6.53
C PHE A 236 -17.28 8.56 6.74
N ASN A 237 -16.38 8.98 5.83
CA ASN A 237 -15.77 10.27 6.01
C ASN A 237 -15.28 10.78 4.70
N LEU A 238 -15.04 12.08 4.64
CA LEU A 238 -14.34 12.70 3.55
C LEU A 238 -13.17 13.49 4.06
N ALA A 239 -11.98 12.88 3.96
CA ALA A 239 -10.76 13.53 4.34
C ALA A 239 -10.25 14.38 3.18
N VAL A 240 -9.41 15.32 3.54
CA VAL A 240 -8.81 16.29 2.60
C VAL A 240 -7.30 16.32 2.84
N GLY A 241 -6.55 15.92 1.81
CA GLY A 241 -5.13 15.61 2.03
C GLY A 241 -4.86 14.48 3.00
N GLY A 242 -3.60 14.36 3.40
CA GLY A 242 -3.17 13.25 4.21
C GLY A 242 -2.17 12.39 3.43
N ALA A 243 -1.41 11.63 4.20
CA ALA A 243 -0.32 10.88 3.59
C ALA A 243 -0.77 9.94 2.47
N PHE A 244 -1.92 9.27 2.64
CA PHE A 244 -2.49 8.40 1.61
C PHE A 244 -2.56 9.09 0.22
N THR A 245 -2.94 10.38 0.21
CA THR A 245 -3.10 11.17 -1.02
C THR A 245 -1.81 11.68 -1.64
N GLY A 246 -0.74 11.66 -0.86
CA GLY A 246 0.55 12.28 -1.22
C GLY A 246 0.58 13.79 -1.07
N ILE A 247 -0.51 14.38 -0.56
CA ILE A 247 -0.62 15.79 -0.47
C ILE A 247 -0.81 16.13 1.02
N THR A 248 0.24 16.69 1.62
CA THR A 248 0.17 17.16 3.02
C THR A 248 0.48 18.65 3.20
N ASP A 249 0.66 19.36 2.10
CA ASP A 249 0.90 20.81 2.05
C ASP A 249 -0.28 21.46 1.35
N ILE A 250 -0.96 22.38 2.02
CA ILE A 250 -2.11 23.06 1.37
C ILE A 250 -1.77 23.74 0.03
N ASN A 251 -0.51 24.13 -0.14
CA ASN A 251 -0.11 24.68 -1.43
C ASN A 251 -0.20 23.70 -2.59
N LYS A 252 -0.23 22.40 -2.30
CA LYS A 252 -0.34 21.39 -3.34
C LYS A 252 -1.78 20.86 -3.52
N LEU A 253 -2.71 21.39 -2.74
CA LEU A 253 -4.09 20.90 -2.69
C LEU A 253 -4.93 21.53 -3.79
N THR A 254 -4.87 20.92 -4.97
CA THR A 254 -5.56 21.42 -6.16
C THR A 254 -6.99 20.90 -6.23
N GLY A 255 -7.30 19.85 -5.46
CA GLY A 255 -8.62 19.24 -5.46
C GLY A 255 -9.65 19.93 -4.62
N LEU A 256 -9.21 20.87 -3.77
CA LEU A 256 -10.10 21.76 -2.98
C LEU A 256 -9.45 23.14 -2.92
N LYS A 257 -9.84 23.97 -3.87
CA LYS A 257 -9.36 25.34 -3.92
C LYS A 257 -10.03 26.21 -2.88
N ASP A 258 -9.37 27.32 -2.62
CA ASP A 258 -9.90 28.31 -1.73
C ASP A 258 -11.27 28.76 -2.27
N GLY A 259 -12.28 28.70 -1.42
CA GLY A 259 -13.68 29.02 -1.75
C GLY A 259 -14.52 27.88 -2.29
N GLN A 260 -13.91 26.69 -2.51
CA GLN A 260 -14.59 25.54 -3.14
C GLN A 260 -15.31 24.76 -2.08
N LYS A 261 -16.47 24.18 -2.43
CA LYS A 261 -17.16 23.19 -1.63
C LYS A 261 -17.44 21.94 -2.45
N VAL A 262 -17.31 20.76 -1.82
CA VAL A 262 -17.61 19.51 -2.49
C VAL A 262 -18.40 18.61 -1.56
N ASN A 263 -19.27 17.80 -2.15
CA ASN A 263 -20.11 16.90 -1.37
C ASN A 263 -19.88 15.43 -1.72
N MET A 264 -20.00 14.58 -0.68
CA MET A 264 -20.03 13.10 -0.78
C MET A 264 -21.38 12.70 -0.28
N TYR A 265 -22.10 11.86 -1.04
CA TYR A 265 -23.49 11.54 -0.73
C TYR A 265 -23.62 10.07 -0.48
N ILE A 266 -24.31 9.72 0.58
CA ILE A 266 -24.67 8.29 0.83
C ILE A 266 -26.19 8.18 0.75
N ASP A 267 -26.66 7.44 -0.25
CA ASP A 267 -28.12 7.30 -0.44
C ASP A 267 -28.72 6.39 0.67
N TRP A 268 -27.99 5.33 1.00
CA TRP A 268 -28.50 4.30 1.95
C TRP A 268 -27.33 3.43 2.38
N VAL A 269 -27.51 2.82 3.53
CA VAL A 269 -26.63 1.77 3.96
C VAL A 269 -27.56 0.64 4.50
N LYS A 270 -27.20 -0.59 4.22
CA LYS A 270 -27.96 -1.72 4.74
C LYS A 270 -27.15 -2.94 5.10
N ILE A 271 -27.65 -3.71 6.07
CA ILE A 271 -26.96 -4.87 6.60
C ILE A 271 -27.94 -6.01 6.43
N LEU A 272 -27.52 -7.08 5.76
CA LEU A 272 -28.37 -8.24 5.52
C LEU A 272 -27.84 -9.30 6.49
N ILE B 36 20.02 -28.25 -2.67
CA ILE B 36 20.24 -26.91 -3.33
C ILE B 36 20.41 -27.05 -4.85
N LEU B 37 19.46 -26.52 -5.61
CA LEU B 37 19.49 -26.54 -7.05
C LEU B 37 20.47 -25.47 -7.58
N PHE B 38 20.71 -24.38 -6.82
CA PHE B 38 21.52 -23.28 -7.28
C PHE B 38 21.94 -22.44 -6.09
N LYS B 39 23.19 -22.01 -6.10
CA LYS B 39 23.67 -21.04 -5.06
C LYS B 39 24.64 -20.12 -5.74
N ASP B 40 24.54 -18.83 -5.43
CA ASP B 40 25.62 -17.89 -5.75
C ASP B 40 26.19 -17.37 -4.45
N ASP B 41 27.49 -17.63 -4.23
CA ASP B 41 28.20 -17.09 -3.05
C ASP B 41 28.90 -15.74 -3.28
N PHE B 42 28.79 -15.18 -4.50
CA PHE B 42 29.32 -13.90 -4.89
C PHE B 42 30.83 -13.80 -4.63
N ASN B 43 31.53 -14.91 -4.87
CA ASN B 43 33.00 -14.83 -4.96
C ASN B 43 33.45 -14.01 -6.19
N PHE B 44 32.55 -13.90 -7.19
CA PHE B 44 32.75 -13.08 -8.38
C PHE B 44 31.37 -12.73 -8.96
N PHE B 45 31.35 -11.77 -9.89
CA PHE B 45 30.17 -11.34 -10.64
C PHE B 45 30.01 -12.24 -11.85
N ASP B 46 29.04 -13.13 -11.79
CA ASP B 46 28.89 -14.14 -12.80
C ASP B 46 27.92 -13.66 -13.84
N GLU B 47 28.49 -13.21 -14.94
CA GLU B 47 27.72 -12.71 -16.08
C GLU B 47 26.88 -13.75 -16.82
N LYS B 48 27.12 -15.03 -16.56
CA LYS B 48 26.23 -16.07 -17.03
C LYS B 48 24.93 -16.17 -16.28
N VAL B 49 24.89 -15.58 -15.09
CA VAL B 49 23.71 -15.56 -14.24
C VAL B 49 23.07 -14.17 -14.15
N TRP B 50 23.88 -13.13 -14.09
CA TRP B 50 23.41 -11.75 -13.80
C TRP B 50 23.73 -10.74 -14.89
N THR B 51 22.87 -9.71 -14.92
CA THR B 51 23.07 -8.57 -15.78
C THR B 51 22.92 -7.33 -14.97
N LYS B 52 23.85 -6.40 -15.15
CA LYS B 52 23.73 -5.05 -14.61
C LYS B 52 22.86 -4.18 -15.48
N GLU B 53 22.03 -3.37 -14.83
CA GLU B 53 21.12 -2.47 -15.52
C GLU B 53 21.62 -1.02 -15.60
N THR B 54 21.27 -0.35 -16.71
CA THR B 54 21.59 1.05 -16.95
C THR B 54 20.33 1.77 -17.36
N HIS B 55 19.95 2.74 -16.58
CA HIS B 55 18.70 3.49 -16.77
C HIS B 55 18.90 4.88 -16.22
N GLU B 56 18.25 5.87 -16.81
CA GLU B 56 18.23 7.20 -16.35
C GLU B 56 17.26 7.43 -15.18
N PRO B 57 17.45 8.50 -14.42
CA PRO B 57 16.51 8.83 -13.37
C PRO B 57 15.11 9.00 -13.92
N GLY B 58 14.12 8.52 -13.17
CA GLY B 58 12.73 8.67 -13.57
C GLY B 58 12.22 7.58 -14.50
N TRP B 59 13.07 6.61 -14.82
CA TRP B 59 12.72 5.47 -15.66
C TRP B 59 11.47 4.79 -15.11
N THR B 60 11.47 4.50 -13.80
CA THR B 60 10.29 3.98 -13.11
C THR B 60 10.06 4.68 -11.78
N ASN B 61 8.80 4.68 -11.38
CA ASN B 61 8.36 5.09 -10.04
C ASN B 61 8.85 6.45 -9.57
N GLN B 62 9.09 7.38 -10.50
CA GLN B 62 9.66 8.68 -10.17
C GLN B 62 10.97 8.62 -9.34
N GLU B 63 11.76 7.57 -9.54
CA GLU B 63 13.02 7.40 -8.85
C GLU B 63 14.07 8.39 -9.23
N LEU B 64 14.90 8.74 -8.24
CA LEU B 64 15.93 9.73 -8.43
C LEU B 64 17.25 9.17 -8.99
N GLN B 65 17.56 7.90 -8.77
CA GLN B 65 18.83 7.42 -9.21
C GLN B 65 18.88 7.13 -10.67
N ALA B 66 20.09 7.29 -11.23
CA ALA B 66 20.52 6.63 -12.47
C ALA B 66 21.13 5.27 -12.10
N TYR B 67 20.72 4.22 -12.78
CA TYR B 67 21.34 2.93 -12.55
C TYR B 67 22.48 2.85 -13.52
N ASP B 68 23.61 2.38 -13.05
CA ASP B 68 24.75 2.12 -13.97
C ASP B 68 25.68 0.97 -13.49
N ALA B 69 26.50 0.49 -14.41
CA ALA B 69 27.32 -0.67 -14.12
C ALA B 69 28.36 -0.46 -13.07
N ALA B 70 28.94 0.73 -12.99
CA ALA B 70 29.98 1.04 -11.98
C ALA B 70 29.49 0.98 -10.56
N HIS B 71 28.17 0.99 -10.32
CA HIS B 71 27.65 0.92 -8.96
C HIS B 71 27.14 -0.44 -8.55
N VAL B 72 27.51 -1.47 -9.32
CA VAL B 72 27.35 -2.87 -8.95
C VAL B 72 28.80 -3.44 -8.91
N SER B 73 29.14 -4.12 -7.82
CA SER B 73 30.48 -4.73 -7.70
C SER B 73 30.35 -5.96 -6.83
N VAL B 74 31.38 -6.79 -6.86
CA VAL B 74 31.54 -7.78 -5.84
C VAL B 74 32.77 -7.46 -5.01
N GLY B 75 32.75 -7.84 -3.73
CA GLY B 75 33.85 -7.47 -2.82
C GLY B 75 33.78 -8.27 -1.56
N LYS B 76 34.39 -7.75 -0.51
CA LYS B 76 34.51 -8.43 0.78
C LYS B 76 33.87 -7.54 1.82
N ASP B 77 33.11 -8.15 2.71
CA ASP B 77 32.59 -7.54 3.94
C ASP B 77 33.14 -8.43 5.05
N GLY B 78 34.25 -8.01 5.69
CA GLY B 78 35.02 -8.90 6.56
C GLY B 78 35.47 -10.14 5.79
N ASP B 79 35.21 -11.33 6.34
CA ASP B 79 35.48 -12.59 5.68
C ASP B 79 34.47 -12.95 4.55
N LYS B 80 33.35 -12.25 4.41
CA LYS B 80 32.29 -12.66 3.44
C LYS B 80 32.47 -12.10 2.06
N SER B 81 32.28 -12.95 1.05
CA SER B 81 32.24 -12.52 -0.34
C SER B 81 30.81 -12.04 -0.58
N VAL B 82 30.67 -10.80 -1.05
CA VAL B 82 29.33 -10.19 -1.22
C VAL B 82 29.15 -9.50 -2.52
N LEU B 83 27.93 -9.52 -3.02
CA LEU B 83 27.46 -8.56 -3.99
C LEU B 83 27.21 -7.21 -3.30
N ILE B 84 27.64 -6.11 -3.92
CA ILE B 84 27.53 -4.78 -3.38
C ILE B 84 26.87 -3.87 -4.40
N LEU B 85 25.69 -3.37 -4.00
CA LEU B 85 25.02 -2.30 -4.69
C LEU B 85 25.24 -1.00 -3.96
N THR B 86 25.80 0.00 -4.65
CA THR B 86 26.18 1.24 -4.03
C THR B 86 25.46 2.42 -4.57
N ALA B 87 24.75 3.10 -3.68
CA ALA B 87 24.13 4.37 -3.99
C ALA B 87 25.14 5.47 -3.69
N GLU B 88 25.22 6.44 -4.58
CA GLU B 88 26.19 7.51 -4.47
C GLU B 88 25.58 8.80 -4.96
N ARG B 89 25.88 9.88 -4.27
CA ARG B 89 25.50 11.24 -4.70
C ARG B 89 26.75 12.09 -4.89
N LYS B 90 26.78 12.82 -6.01
CA LYS B 90 27.88 13.74 -6.33
C LYS B 90 27.18 14.99 -6.82
N GLY B 91 27.10 16.01 -5.96
CA GLY B 91 26.30 17.20 -6.31
C GLY B 91 24.83 16.85 -6.41
N ASN B 92 24.18 17.25 -7.51
CA ASN B 92 22.79 16.81 -7.64
C ASN B 92 22.65 15.53 -8.49
N LYS B 93 23.74 14.79 -8.78
CA LYS B 93 23.63 13.54 -9.54
C LYS B 93 23.65 12.36 -8.58
N ILE B 94 22.71 11.44 -8.79
CA ILE B 94 22.58 10.22 -8.00
C ILE B 94 22.73 8.98 -8.86
N TYR B 95 23.51 8.01 -8.37
CA TYR B 95 23.78 6.76 -9.04
C TYR B 95 23.53 5.61 -8.09
N SER B 96 23.13 4.49 -8.63
CA SER B 96 22.98 3.28 -7.84
C SER B 96 23.06 2.06 -8.73
N GLY B 97 22.73 0.91 -8.19
CA GLY B 97 22.86 -0.35 -8.85
C GLY B 97 21.67 -1.29 -8.76
N ARG B 98 21.50 -2.02 -9.83
CA ARG B 98 20.39 -2.95 -9.99
C ARG B 98 20.85 -4.08 -10.88
N ILE B 99 20.60 -5.32 -10.46
CA ILE B 99 20.80 -6.47 -11.31
C ILE B 99 19.59 -7.39 -11.50
N ASN B 100 19.62 -8.21 -12.57
CA ASN B 100 18.60 -9.20 -12.80
C ASN B 100 19.17 -10.49 -13.45
N SER B 101 18.48 -11.64 -13.32
CA SER B 101 18.87 -12.87 -14.01
C SER B 101 17.97 -13.24 -15.20
N LYS B 102 17.27 -12.29 -15.77
CA LYS B 102 16.30 -12.54 -16.89
C LYS B 102 17.07 -13.23 -18.03
N GLY B 103 16.52 -14.33 -18.52
CA GLY B 103 17.09 -15.05 -19.66
C GLY B 103 18.38 -15.76 -19.30
N LYS B 104 18.75 -15.78 -18.01
CA LYS B 104 19.95 -16.46 -17.54
C LYS B 104 19.63 -17.47 -16.45
N LYS B 105 18.84 -17.11 -15.46
CA LYS B 105 18.47 -18.03 -14.47
C LYS B 105 17.05 -17.75 -13.98
N SER B 106 16.18 -18.74 -14.15
CA SER B 106 14.78 -18.60 -13.68
C SER B 106 14.30 -19.89 -13.14
N PHE B 107 13.19 -19.86 -12.42
CA PHE B 107 12.67 -21.06 -11.88
C PHE B 107 11.20 -20.93 -11.50
N LYS B 108 10.64 -22.04 -11.03
CA LYS B 108 9.25 -22.14 -10.69
C LYS B 108 9.05 -23.11 -9.58
N TYR B 109 8.19 -22.76 -8.62
CA TYR B 109 7.80 -23.61 -7.51
C TYR B 109 8.98 -24.15 -6.67
N ARG B 110 9.95 -23.28 -6.39
CA ARG B 110 11.07 -23.60 -5.49
C ARG B 110 11.13 -22.60 -4.38
N LYS B 111 11.88 -22.93 -3.35
CA LYS B 111 12.18 -22.01 -2.29
C LYS B 111 13.39 -21.18 -2.72
N ILE B 112 13.26 -19.87 -2.63
CA ILE B 112 14.39 -19.01 -2.84
C ILE B 112 14.72 -18.23 -1.57
N GLU B 113 16.03 -18.17 -1.27
CA GLU B 113 16.48 -17.45 -0.05
C GLU B 113 17.72 -16.59 -0.36
N ALA B 114 17.72 -15.41 0.21
CA ALA B 114 18.91 -14.53 0.14
C ALA B 114 19.24 -13.96 1.52
N SER B 115 20.55 -13.81 1.79
CA SER B 115 21.07 -13.23 3.03
C SER B 115 21.55 -11.82 2.67
N ILE B 116 20.92 -10.80 3.30
CA ILE B 116 21.14 -9.42 2.93
C ILE B 116 21.40 -8.57 4.15
N LYS B 117 22.37 -7.67 4.04
CA LYS B 117 22.61 -6.65 5.01
C LYS B 117 22.22 -5.33 4.36
N LEU B 118 21.28 -4.65 5.01
CA LEU B 118 20.67 -3.44 4.49
C LEU B 118 21.30 -2.20 5.10
N PRO B 119 21.42 -1.08 4.32
CA PRO B 119 21.80 0.19 4.95
C PRO B 119 20.62 0.76 5.71
N LYS B 120 20.90 1.77 6.53
CA LYS B 120 19.80 2.61 7.07
C LYS B 120 19.09 3.33 5.88
N THR B 121 17.78 3.15 5.81
CA THR B 121 17.00 3.64 4.69
C THR B 121 16.42 5.04 4.91
N ASN B 122 16.31 5.48 6.18
CA ASN B 122 15.57 6.67 6.54
C ASN B 122 16.03 7.81 5.59
N GLY B 123 15.05 8.53 5.04
CA GLY B 123 15.36 9.71 4.19
C GLY B 123 15.50 9.37 2.72
N GLY B 124 15.04 8.18 2.30
CA GLY B 124 14.78 7.92 0.88
C GLY B 124 15.44 6.75 0.19
N LEU B 125 16.20 5.89 0.89
CA LEU B 125 16.68 4.68 0.21
C LEU B 125 15.64 3.61 0.15
N TRP B 126 15.66 2.80 -0.91
CA TRP B 126 14.59 1.88 -1.23
C TRP B 126 15.20 0.58 -1.75
N PRO B 127 15.69 -0.27 -0.82
CA PRO B 127 16.25 -1.59 -1.21
C PRO B 127 15.18 -2.62 -1.46
N ALA B 128 15.45 -3.54 -2.37
CA ALA B 128 14.50 -4.60 -2.72
C ALA B 128 15.14 -5.90 -3.25
N PHE B 129 14.48 -7.02 -2.91
CA PHE B 129 14.78 -8.38 -3.40
C PHE B 129 13.46 -8.83 -3.93
N TRP B 130 13.44 -9.24 -5.19
CA TRP B 130 12.18 -9.42 -5.94
C TRP B 130 12.37 -10.26 -7.21
N MET B 131 11.27 -10.48 -7.94
CA MET B 131 11.26 -11.42 -9.06
C MET B 131 10.22 -10.95 -10.06
N MET B 132 10.47 -11.22 -11.33
CA MET B 132 9.50 -10.99 -12.40
C MET B 132 9.50 -12.18 -13.35
N GLY B 133 8.43 -12.33 -14.16
CA GLY B 133 8.29 -13.52 -14.99
C GLY B 133 9.31 -13.52 -16.10
N ASP B 134 9.88 -14.67 -16.38
CA ASP B 134 10.95 -14.71 -17.40
C ASP B 134 10.30 -14.94 -18.78
N ASN B 135 9.69 -13.90 -19.30
CA ASN B 135 8.96 -13.93 -20.58
C ASN B 135 9.07 -12.55 -21.19
N ASP B 136 8.53 -12.38 -22.37
CA ASP B 136 8.59 -11.14 -23.10
C ASP B 136 7.39 -10.23 -22.80
N LYS B 137 6.43 -10.62 -21.95
CA LYS B 137 5.25 -9.72 -21.69
C LYS B 137 5.62 -8.44 -21.00
N GLN B 138 4.97 -7.34 -21.36
CA GLN B 138 5.26 -6.06 -20.77
C GLN B 138 4.68 -6.08 -19.35
N TRP B 139 5.38 -5.41 -18.46
CA TRP B 139 4.93 -5.26 -17.08
C TRP B 139 3.54 -4.62 -17.08
N PRO B 140 2.57 -5.08 -16.28
CA PRO B 140 2.66 -6.09 -15.20
C PRO B 140 2.27 -7.51 -15.60
N ALA B 141 2.10 -7.70 -16.90
CA ALA B 141 1.69 -8.99 -17.44
C ALA B 141 2.73 -10.10 -17.25
N CYS B 142 4.00 -9.72 -17.02
CA CYS B 142 5.06 -10.70 -16.71
C CYS B 142 4.92 -11.22 -15.31
N GLY B 143 4.21 -10.47 -14.47
CA GLY B 143 4.12 -10.83 -13.07
C GLY B 143 5.31 -10.28 -12.35
N GLU B 144 5.07 -9.94 -11.09
CA GLU B 144 6.09 -9.50 -10.15
C GLU B 144 5.80 -9.95 -8.73
N ILE B 145 6.85 -10.39 -8.03
CA ILE B 145 6.79 -10.83 -6.62
C ILE B 145 7.83 -10.02 -5.90
N ASP B 146 7.41 -9.15 -4.98
CA ASP B 146 8.36 -8.42 -4.13
C ASP B 146 8.51 -9.17 -2.85
N ILE B 147 9.65 -9.82 -2.70
CA ILE B 147 9.90 -10.67 -1.53
C ILE B 147 10.16 -9.78 -0.33
N MET B 148 10.98 -8.74 -0.50
CA MET B 148 11.22 -7.76 0.58
C MET B 148 11.48 -6.40 -0.03
N GLU B 149 10.82 -5.39 0.53
CA GLU B 149 11.21 -4.01 0.24
C GLU B 149 11.19 -3.25 1.55
N MET B 150 12.09 -2.27 1.71
CA MET B 150 12.04 -1.35 2.86
C MET B 150 12.21 0.06 2.31
N GLY B 151 11.86 1.02 3.12
CA GLY B 151 12.09 2.45 2.78
C GLY B 151 10.76 3.19 2.54
N GLU B 152 9.63 2.59 2.85
CA GLU B 152 8.33 3.25 2.45
C GLU B 152 8.10 4.53 3.30
N GLN B 153 7.45 5.51 2.68
CA GLN B 153 7.02 6.78 3.36
C GLN B 153 6.48 6.60 4.74
N SER B 154 5.53 5.69 4.88
CA SER B 154 4.85 5.55 6.18
C SER B 154 5.73 4.97 7.31
N GLY B 155 6.76 4.19 6.95
CA GLY B 155 7.75 3.75 7.92
C GLY B 155 8.49 4.93 8.54
N MET B 156 8.90 5.89 7.72
CA MET B 156 9.55 7.08 8.21
C MET B 156 8.64 7.96 9.02
N ALA B 157 7.41 8.14 8.57
CA ALA B 157 6.42 8.97 9.31
C ALA B 157 6.13 8.35 10.66
N ALA B 158 6.14 7.01 10.76
CA ALA B 158 5.90 6.33 12.04
C ALA B 158 7.16 6.18 12.94
N GLY B 159 8.37 6.60 12.52
CA GLY B 159 9.62 6.27 13.29
C GLY B 159 10.03 4.80 13.30
N ASP B 160 9.55 4.02 12.34
CA ASP B 160 9.79 2.56 12.26
C ASP B 160 10.54 2.19 11.01
N SER B 161 11.29 3.10 10.38
CA SER B 161 11.96 2.79 9.10
C SER B 161 12.87 1.59 9.12
N GLU B 162 13.44 1.20 10.28
CA GLU B 162 14.35 0.05 10.32
C GLU B 162 13.60 -1.26 10.49
N LYS B 163 12.30 -1.21 10.79
CA LYS B 163 11.51 -2.39 11.02
C LYS B 163 10.38 -2.64 9.99
N GLN B 164 9.99 -1.64 9.23
CA GLN B 164 8.78 -1.73 8.38
C GLN B 164 9.14 -2.36 7.05
N VAL B 165 8.65 -3.58 6.82
CA VAL B 165 8.91 -4.33 5.62
C VAL B 165 7.57 -4.50 4.84
N ASN B 166 7.69 -4.43 3.52
CA ASN B 166 6.54 -4.57 2.57
C ASN B 166 6.89 -5.80 1.74
N THR B 167 5.88 -6.61 1.45
CA THR B 167 5.97 -7.68 0.46
C THR B 167 4.71 -7.52 -0.39
N ALA B 168 4.77 -7.94 -1.65
CA ALA B 168 3.71 -7.64 -2.58
C ALA B 168 3.75 -8.51 -3.80
N ILE B 169 2.62 -8.55 -4.49
CA ILE B 169 2.56 -9.10 -5.83
C ILE B 169 1.83 -8.13 -6.72
N HIS B 170 2.28 -8.05 -7.97
CA HIS B 170 1.70 -7.23 -9.02
C HIS B 170 1.45 -8.07 -10.26
N TYR B 171 0.34 -7.78 -10.95
CA TYR B 171 -0.07 -8.63 -12.03
C TYR B 171 -1.23 -7.93 -12.83
N GLY B 172 -1.67 -8.59 -13.90
CA GLY B 172 -2.75 -8.10 -14.73
C GLY B 172 -2.27 -7.92 -16.18
N PRO B 173 -3.21 -7.78 -17.13
CA PRO B 173 -2.81 -7.94 -18.56
C PRO B 173 -2.19 -6.68 -19.16
N SER B 174 -2.33 -5.54 -18.48
CA SER B 174 -1.80 -4.27 -18.97
C SER B 174 -1.56 -3.35 -17.80
N ALA B 175 -0.80 -2.29 -18.02
CA ALA B 175 -0.67 -1.25 -16.99
C ALA B 175 -2.02 -0.66 -16.55
N ALA B 176 -2.95 -0.44 -17.49
CA ALA B 176 -4.27 0.07 -17.16
C ALA B 176 -5.05 -0.91 -16.26
N ALA B 177 -4.85 -2.22 -16.43
CA ALA B 177 -5.44 -3.28 -15.59
C ALA B 177 -4.51 -3.85 -14.51
N HIS B 178 -3.55 -3.05 -14.06
CA HIS B 178 -2.62 -3.42 -12.98
C HIS B 178 -3.37 -3.68 -11.65
N GLU B 179 -3.11 -4.85 -11.04
CA GLU B 179 -3.64 -5.25 -9.76
C GLU B 179 -2.47 -5.53 -8.85
N GLN B 180 -2.67 -5.20 -7.56
CA GLN B 180 -1.61 -5.36 -6.57
C GLN B 180 -2.19 -5.74 -5.22
N GLN B 181 -1.48 -6.69 -4.59
CA GLN B 181 -1.72 -7.07 -3.25
C GLN B 181 -0.48 -6.83 -2.43
N TYR B 182 -0.65 -6.32 -1.22
CA TYR B 182 0.47 -5.97 -0.36
C TYR B 182 0.21 -6.46 1.08
N TYR B 183 1.29 -6.75 1.80
CA TYR B 183 1.27 -6.92 3.25
C TYR B 183 2.46 -6.14 3.76
N LYS B 184 2.20 -5.34 4.79
CA LYS B 184 3.24 -4.58 5.48
C LYS B 184 3.13 -4.73 6.97
N ALA B 185 4.27 -4.82 7.63
CA ALA B 185 4.29 -4.90 9.04
C ALA B 185 5.65 -4.44 9.56
N ASN B 186 5.67 -4.05 10.84
CA ASN B 186 6.99 -3.92 11.57
C ASN B 186 7.42 -5.22 12.16
N VAL B 187 8.59 -5.75 11.78
CA VAL B 187 9.23 -6.86 12.51
C VAL B 187 9.60 -6.39 13.95
N ALA B 188 9.94 -7.34 14.81
CA ALA B 188 10.19 -7.07 16.22
C ALA B 188 11.47 -6.24 16.40
N ASN B 189 12.49 -6.55 15.60
CA ASN B 189 13.80 -5.96 15.75
C ASN B 189 14.28 -5.38 14.45
N SER B 190 15.04 -4.31 14.57
CA SER B 190 15.67 -3.69 13.40
C SER B 190 16.34 -4.71 12.42
N LEU B 191 16.01 -4.54 11.12
CA LEU B 191 16.67 -5.21 10.06
C LEU B 191 17.83 -4.45 9.49
N GLN B 192 18.07 -3.22 10.01
CA GLN B 192 19.11 -2.41 9.54
C GLN B 192 20.07 -2.22 10.72
N ASP B 193 20.55 -3.35 11.20
CA ASP B 193 21.26 -3.48 12.46
C ASP B 193 22.69 -3.94 12.28
N GLY B 194 23.25 -3.76 11.09
CA GLY B 194 24.59 -4.18 10.78
C GLY B 194 24.81 -5.68 10.65
N ASN B 195 23.75 -6.45 10.68
CA ASN B 195 23.79 -7.89 10.42
C ASN B 195 23.10 -8.23 9.12
N TYR B 196 23.43 -9.43 8.63
CA TYR B 196 22.71 -10.04 7.49
C TYR B 196 21.47 -10.75 8.01
N HIS B 197 20.40 -10.71 7.24
CA HIS B 197 19.16 -11.38 7.60
C HIS B 197 18.72 -12.22 6.42
N THR B 198 17.98 -13.31 6.63
CA THR B 198 17.55 -14.19 5.56
C THR B 198 16.16 -13.84 5.13
N TYR B 199 15.97 -13.57 3.84
CA TYR B 199 14.68 -13.33 3.29
C TYR B 199 14.35 -14.52 2.37
N SER B 200 13.19 -15.13 2.58
CA SER B 200 12.81 -16.36 1.91
C SER B 200 11.48 -16.28 1.22
N LEU B 201 11.37 -16.94 0.06
CA LEU B 201 10.08 -17.16 -0.59
C LEU B 201 9.92 -18.67 -0.80
N ASP B 202 8.79 -19.20 -0.32
CA ASP B 202 8.35 -20.59 -0.58
C ASP B 202 7.19 -20.47 -1.56
N TRP B 203 7.27 -21.19 -2.67
CA TRP B 203 6.34 -21.04 -3.76
C TRP B 203 5.84 -22.41 -4.14
N ASP B 204 4.52 -22.58 -4.15
CA ASP B 204 3.95 -23.74 -4.83
C ASP B 204 2.73 -23.31 -5.65
N GLU B 205 1.99 -24.26 -6.20
CA GLU B 205 0.86 -23.88 -7.05
C GLU B 205 -0.27 -23.13 -6.28
N ASN B 206 -0.31 -23.23 -4.95
CA ASN B 206 -1.36 -22.52 -4.19
C ASN B 206 -0.89 -21.21 -3.52
N ASN B 207 0.37 -21.14 -3.10
CA ASN B 207 0.82 -20.12 -2.13
C ASN B 207 2.19 -19.56 -2.46
N LEU B 208 2.37 -18.27 -2.13
CA LEU B 208 3.67 -17.65 -2.03
C LEU B 208 3.83 -17.22 -0.57
N THR B 209 4.74 -17.86 0.13
CA THR B 209 4.95 -17.62 1.52
C THR B 209 6.30 -16.99 1.70
N ILE B 210 6.30 -15.78 2.28
CA ILE B 210 7.53 -15.05 2.60
C ILE B 210 7.88 -15.21 4.06
N SER B 211 9.14 -15.42 4.34
CA SER B 211 9.65 -15.48 5.67
C SER B 211 10.86 -14.60 5.82
N ILE B 212 11.12 -14.17 7.05
CA ILE B 212 12.28 -13.40 7.41
C ILE B 212 12.93 -14.08 8.61
N ASP B 213 14.22 -14.36 8.48
CA ASP B 213 14.96 -15.09 9.49
C ASP B 213 14.24 -16.34 9.97
N ASN B 214 13.70 -17.05 9.00
CA ASN B 214 12.95 -18.29 9.16
C ASN B 214 11.70 -18.23 9.99
N VAL B 215 11.09 -17.04 10.08
CA VAL B 215 9.77 -16.88 10.67
C VAL B 215 8.81 -16.41 9.61
N LYS B 216 7.71 -17.12 9.45
CA LYS B 216 6.70 -16.76 8.47
C LYS B 216 6.24 -15.32 8.63
N PHE B 217 6.28 -14.56 7.54
CA PHE B 217 5.84 -13.18 7.49
C PHE B 217 4.42 -13.06 6.87
N HIS B 218 4.18 -13.64 5.69
CA HIS B 218 2.88 -13.52 5.01
C HIS B 218 2.78 -14.52 3.89
N THR B 219 1.58 -14.98 3.66
CA THR B 219 1.26 -15.83 2.52
C THR B 219 0.22 -15.16 1.64
N PHE B 220 0.53 -15.14 0.34
CA PHE B 220 -0.36 -14.71 -0.72
C PHE B 220 -0.94 -15.97 -1.37
N ASP B 221 -2.26 -15.96 -1.59
CA ASP B 221 -2.96 -17.05 -2.29
C ASP B 221 -2.92 -16.85 -3.78
N ILE B 222 -2.28 -17.77 -4.50
CA ILE B 222 -2.20 -17.70 -5.93
C ILE B 222 -2.91 -18.87 -6.61
N SER B 223 -3.70 -19.63 -5.86
CA SER B 223 -4.31 -20.85 -6.41
C SER B 223 -5.19 -20.59 -7.63
N SER B 224 -5.84 -19.43 -7.72
CA SER B 224 -6.57 -19.05 -8.94
C SER B 224 -5.96 -17.83 -9.65
N ASN B 225 -4.70 -17.51 -9.38
CA ASN B 225 -4.06 -16.38 -10.06
C ASN B 225 -3.17 -16.87 -11.16
N THR B 226 -3.46 -16.48 -12.40
CA THR B 226 -2.79 -17.10 -13.56
C THR B 226 -1.35 -16.60 -13.73
N TYR B 227 -0.95 -15.56 -12.99
CA TYR B 227 0.33 -14.88 -13.27
C TYR B 227 1.57 -15.46 -12.54
N PHE B 228 1.40 -16.41 -11.61
CA PHE B 228 2.49 -16.92 -10.79
C PHE B 228 2.67 -18.46 -10.89
N HIS B 229 2.58 -18.94 -12.14
CA HIS B 229 2.67 -20.37 -12.48
C HIS B 229 3.59 -20.65 -13.66
N ASP B 230 4.58 -19.80 -13.82
CA ASP B 230 5.61 -19.90 -14.87
C ASP B 230 6.95 -19.44 -14.30
N ASN B 231 8.03 -19.58 -15.05
CA ASN B 231 9.33 -19.25 -14.51
C ASN B 231 9.46 -17.74 -14.25
N PHE B 232 10.15 -17.42 -13.17
CA PHE B 232 10.49 -16.08 -12.77
C PHE B 232 11.99 -15.97 -12.56
N TYR B 233 12.54 -14.83 -12.94
CA TYR B 233 13.92 -14.48 -12.66
C TYR B 233 13.99 -13.56 -11.44
N ILE B 234 15.21 -13.37 -10.95
CA ILE B 234 15.51 -12.68 -9.71
C ILE B 234 16.05 -11.28 -9.96
N LEU B 235 15.68 -10.32 -9.07
CA LEU B 235 16.25 -8.99 -9.10
C LEU B 235 16.71 -8.53 -7.72
N PHE B 236 17.77 -7.69 -7.70
CA PHE B 236 18.21 -6.97 -6.50
C PHE B 236 18.41 -5.54 -6.90
N ASN B 237 17.99 -4.59 -6.09
CA ASN B 237 18.32 -3.18 -6.40
C ASN B 237 18.32 -2.29 -5.18
N LEU B 238 18.99 -1.17 -5.29
CA LEU B 238 18.94 -0.11 -4.26
C LEU B 238 18.50 1.18 -5.00
N ALA B 239 17.20 1.43 -4.95
CA ALA B 239 16.68 2.65 -5.50
C ALA B 239 16.86 3.80 -4.49
N VAL B 240 16.84 5.03 -5.01
CA VAL B 240 16.97 6.24 -4.20
C VAL B 240 15.84 7.15 -4.57
N GLY B 241 15.01 7.47 -3.60
CA GLY B 241 13.75 8.19 -3.86
C GLY B 241 12.75 7.40 -4.66
N GLY B 242 11.73 8.06 -5.14
CA GLY B 242 10.64 7.32 -5.80
C GLY B 242 9.39 7.46 -4.98
N ALA B 243 8.23 7.34 -5.66
CA ALA B 243 6.89 7.52 -4.99
C ALA B 243 6.71 6.67 -3.71
N PHE B 244 7.15 5.41 -3.74
CA PHE B 244 7.14 4.48 -2.57
C PHE B 244 7.72 5.18 -1.29
N THR B 245 8.82 5.90 -1.45
CA THR B 245 9.55 6.58 -0.35
C THR B 245 8.91 7.91 0.05
N GLY B 246 7.99 8.44 -0.78
CA GLY B 246 7.50 9.78 -0.56
C GLY B 246 8.45 10.87 -0.97
N ILE B 247 9.66 10.56 -1.46
CA ILE B 247 10.64 11.58 -1.76
C ILE B 247 10.95 11.48 -3.23
N THR B 248 10.51 12.49 -3.99
CA THR B 248 10.72 12.56 -5.44
C THR B 248 11.43 13.85 -5.91
N ASP B 249 11.88 14.62 -4.94
CA ASP B 249 12.57 15.87 -5.14
C ASP B 249 13.92 15.74 -4.41
N ILE B 250 15.02 15.94 -5.12
CA ILE B 250 16.36 15.89 -4.53
C ILE B 250 16.58 16.79 -3.31
N ASN B 251 15.86 17.92 -3.27
CA ASN B 251 15.82 18.78 -2.10
C ASN B 251 15.39 18.10 -0.83
N LYS B 252 14.62 17.01 -0.93
CA LYS B 252 14.06 16.33 0.24
C LYS B 252 14.76 14.96 0.54
N LEU B 253 15.85 14.67 -0.19
CA LEU B 253 16.61 13.46 -0.04
C LEU B 253 17.67 13.62 1.06
N THR B 254 17.27 13.33 2.29
CA THR B 254 18.16 13.42 3.48
C THR B 254 18.97 12.19 3.73
N GLY B 255 18.56 11.06 3.16
CA GLY B 255 19.23 9.78 3.38
C GLY B 255 20.46 9.58 2.54
N LEU B 256 20.71 10.44 1.56
CA LEU B 256 21.93 10.31 0.76
C LEU B 256 22.44 11.74 0.46
N LYS B 257 23.48 12.14 1.20
CA LYS B 257 23.97 13.51 1.19
C LYS B 257 25.04 13.62 0.12
N ASP B 258 25.36 14.86 -0.26
CA ASP B 258 26.39 15.09 -1.29
C ASP B 258 27.74 14.59 -0.85
N GLY B 259 28.35 13.78 -1.69
CA GLY B 259 29.54 13.05 -1.37
C GLY B 259 29.43 11.74 -0.62
N GLN B 260 28.22 11.31 -0.27
CA GLN B 260 28.02 10.03 0.42
C GLN B 260 27.89 8.81 -0.54
N LYS B 261 28.45 7.67 -0.12
CA LYS B 261 28.18 6.36 -0.74
C LYS B 261 27.55 5.47 0.35
N VAL B 262 26.51 4.74 -0.01
CA VAL B 262 25.86 3.82 0.92
C VAL B 262 25.74 2.47 0.21
N ASN B 263 26.08 1.41 0.92
CA ASN B 263 26.02 0.07 0.29
C ASN B 263 24.90 -0.85 0.80
N MET B 264 24.41 -1.67 -0.10
CA MET B 264 23.58 -2.78 0.25
C MET B 264 24.36 -4.06 -0.11
N TYR B 265 24.36 -5.06 0.78
CA TYR B 265 25.19 -6.24 0.62
C TYR B 265 24.35 -7.51 0.56
N ILE B 266 24.69 -8.38 -0.39
CA ILE B 266 24.07 -9.67 -0.45
C ILE B 266 25.21 -10.70 -0.36
N ASP B 267 25.17 -11.48 0.70
CA ASP B 267 26.14 -12.52 0.98
C ASP B 267 25.96 -13.73 0.07
N TRP B 268 24.70 -14.12 -0.15
CA TRP B 268 24.44 -15.27 -1.07
C TRP B 268 22.96 -15.28 -1.41
N VAL B 269 22.65 -16.01 -2.48
CA VAL B 269 21.30 -16.37 -2.82
C VAL B 269 21.29 -17.85 -3.16
N LYS B 270 20.24 -18.54 -2.74
CA LYS B 270 20.10 -19.92 -3.13
C LYS B 270 18.67 -20.34 -3.47
N ILE B 271 18.56 -21.39 -4.28
CA ILE B 271 17.28 -21.90 -4.75
C ILE B 271 17.32 -23.38 -4.38
N LEU B 272 16.35 -23.80 -3.59
CA LEU B 272 16.20 -25.22 -3.17
C LEU B 272 14.97 -25.71 -3.92
#